data_3UCJ
#
_entry.id   3UCJ
#
_cell.length_a   74.563
_cell.length_b   74.563
_cell.length_c   220.386
_cell.angle_alpha   90.00
_cell.angle_beta   90.00
_cell.angle_gamma   90.00
#
_symmetry.space_group_name_H-M   'P 43 21 2'
#
loop_
_entity.id
_entity.type
_entity.pdbx_description
1 polymer 'Carbonic anhydrase'
2 non-polymer 'ZINC ION'
3 non-polymer 5-ACETAMIDO-1,3,4-THIADIAZOLE-2-SULFONAMIDE
4 non-polymer 'PHOSPHATE ION'
5 non-polymer GLYCEROL
6 non-polymer 'CHLORIDE ION'
7 water water
#
_entity_poly.entity_id   1
_entity_poly.type   'polypeptide(L)'
_entity_poly.pdbx_seq_one_letter_code
;MSAKDTADLSPLLEANRKWADECAAKDSTYFSKVAGSQAPEYLYIGCADSRVSPAQLFNMAPGEVFVQRNVGNLVSNKDL
NCMSCLEYTVDHLKIKHILVCGHYNCGACKAGLVWHPKTAGVTNLWISDVREVRDKNAAKLHGLSADDAWDKMVELNVEA
QVFNVCASPIVQAAWARGQPLSVHGIVYTPGTGLVKELIKPITGMEDAGALLRADLKQHCFFSESLA
;
_entity_poly.pdbx_strand_id   A,B
#
# COMPACT_ATOMS: atom_id res chain seq x y z
N THR A 6 -4.50 -17.01 20.92
CA THR A 6 -4.85 -15.59 21.30
C THR A 6 -4.54 -14.49 20.23
N ALA A 7 -5.39 -13.48 20.29
CA ALA A 7 -5.24 -12.28 19.48
C ALA A 7 -4.64 -11.08 20.29
N ASP A 8 -4.01 -11.37 21.43
CA ASP A 8 -3.42 -10.28 22.22
C ASP A 8 -2.30 -9.55 21.45
N LEU A 9 -2.32 -8.22 21.43
CA LEU A 9 -1.26 -7.51 20.71
C LEU A 9 -0.03 -7.12 21.53
N SER A 10 -0.03 -7.41 22.83
CA SER A 10 1.06 -7.00 23.72
C SER A 10 2.44 -7.20 23.18
N PRO A 11 2.75 -8.39 22.67
CA PRO A 11 4.09 -8.64 22.15
C PRO A 11 4.45 -7.81 20.93
N LEU A 12 3.44 -7.54 20.08
CA LEU A 12 3.64 -6.68 18.92
C LEU A 12 3.97 -5.27 19.33
N LEU A 13 3.17 -4.75 20.25
CA LEU A 13 3.34 -3.40 20.79
C LEU A 13 4.69 -3.20 21.48
N GLU A 14 5.12 -4.26 22.17
CA GLU A 14 6.40 -4.29 22.89
C GLU A 14 7.52 -4.25 21.88
N ALA A 15 7.38 -4.97 20.76
CA ALA A 15 8.42 -4.91 19.77
C ALA A 15 8.53 -3.49 19.17
N ASN A 16 7.39 -2.85 18.96
CA ASN A 16 7.36 -1.47 18.45
C ASN A 16 8.01 -0.45 19.44
N ARG A 17 7.60 -0.53 20.70
CA ARG A 17 8.14 0.35 21.75
C ARG A 17 9.71 0.21 21.80
N LYS A 18 10.18 -1.03 21.73
CA LYS A 18 11.65 -1.32 21.81
C LYS A 18 12.37 -0.73 20.61
N TRP A 19 11.72 -0.87 19.43
CA TRP A 19 12.20 -0.21 18.23
C TRP A 19 12.19 1.31 18.32
N ALA A 20 11.10 1.94 18.78
CA ALA A 20 11.08 3.40 18.74
C ALA A 20 12.07 3.91 19.79
N ASP A 21 12.18 3.15 20.86
CA ASP A 21 13.14 3.54 21.95
C ASP A 21 14.60 3.57 21.47
N GLU A 22 15.07 2.46 20.90
CA GLU A 22 16.38 2.42 20.24
C GLU A 22 16.59 3.41 19.15
N CYS A 23 15.59 3.64 18.32
CA CYS A 23 15.76 4.62 17.24
C CYS A 23 16.07 5.99 17.78
N ALA A 24 15.30 6.38 18.79
CA ALA A 24 15.35 7.75 19.28
C ALA A 24 16.61 7.92 20.19
N ALA A 25 17.00 6.85 20.86
CA ALA A 25 18.28 6.77 21.62
C ALA A 25 19.49 7.03 20.74
N LYS A 26 19.49 6.59 19.48
CA LYS A 26 20.61 6.81 18.58
C LYS A 26 20.55 8.13 17.90
N ASP A 27 19.37 8.73 17.84
CA ASP A 27 19.20 9.94 17.11
C ASP A 27 17.98 10.68 17.69
N SER A 28 18.20 11.67 18.55
CA SER A 28 17.06 12.20 19.31
C SER A 28 15.94 12.79 18.43
N THR A 29 16.23 13.29 17.24
CA THR A 29 15.14 13.89 16.44
C THR A 29 14.59 12.93 15.35
N TYR A 30 14.97 11.66 15.45
CA TYR A 30 14.58 10.60 14.45
C TYR A 30 13.06 10.67 14.16
N PHE A 31 12.26 10.74 15.22
CA PHE A 31 10.77 10.86 15.06
C PHE A 31 10.35 12.33 15.15
N SER A 32 10.95 13.09 16.10
CA SER A 32 10.40 14.40 16.31
C SER A 32 10.46 15.25 15.09
N LYS A 33 11.49 15.08 14.23
CA LYS A 33 11.52 16.02 13.12
C LYS A 33 10.37 15.80 12.09
N VAL A 34 9.68 14.64 12.20
CA VAL A 34 8.53 14.41 11.28
C VAL A 34 7.24 14.40 12.09
N ALA A 35 7.25 15.04 13.28
CA ALA A 35 6.06 14.93 14.13
C ALA A 35 4.97 15.69 13.48
N GLY A 36 5.28 16.74 12.74
CA GLY A 36 4.16 17.55 12.20
C GLY A 36 4.13 17.86 10.70
N SER A 37 5.03 17.23 9.95
CA SER A 37 5.07 17.39 8.48
C SER A 37 5.86 16.24 7.86
N GLN A 38 5.77 16.11 6.54
CA GLN A 38 6.65 15.12 5.84
C GLN A 38 7.12 15.79 4.58
N ALA A 39 8.30 15.38 4.15
CA ALA A 39 8.84 15.87 2.89
C ALA A 39 9.69 14.78 2.20
N PRO A 40 9.03 13.65 1.79
CA PRO A 40 9.71 12.55 1.14
C PRO A 40 10.10 12.97 -0.24
N GLU A 41 11.22 12.44 -0.72
CA GLU A 41 11.57 12.66 -2.10
C GLU A 41 11.07 11.55 -3.04
N TYR A 42 10.59 10.44 -2.48
CA TYR A 42 10.28 9.24 -3.29
C TYR A 42 8.77 8.86 -3.07
N LEU A 43 8.11 8.49 -4.14
CA LEU A 43 6.89 7.59 -4.04
C LEU A 43 7.36 6.20 -4.46
N TYR A 44 6.93 5.13 -3.76
CA TYR A 44 7.25 3.79 -4.20
C TYR A 44 5.83 3.16 -4.41
N ILE A 45 5.72 2.47 -5.53
CA ILE A 45 4.49 1.65 -5.87
C ILE A 45 5.06 0.24 -6.02
N GLY A 46 4.60 -0.65 -5.15
CA GLY A 46 5.13 -2.01 -5.13
C GLY A 46 4.06 -2.98 -4.76
N CYS A 47 4.46 -4.24 -4.61
CA CYS A 47 3.50 -5.32 -4.31
C CYS A 47 3.19 -5.43 -2.82
N ALA A 48 1.97 -5.85 -2.44
CA ALA A 48 1.54 -6.00 -1.12
C ALA A 48 2.22 -7.25 -0.43
N ASP A 49 2.89 -8.07 -1.23
CA ASP A 49 3.62 -9.29 -0.74
C ASP A 49 4.44 -8.98 0.52
N SER A 50 4.19 -9.76 1.56
CA SER A 50 4.80 -9.64 2.89
C SER A 50 6.32 -9.70 2.90
N ARG A 51 6.94 -10.06 1.78
CA ARG A 51 8.39 -10.20 1.76
C ARG A 51 9.09 -8.96 1.28
N VAL A 52 8.29 -7.93 0.96
CA VAL A 52 8.83 -6.81 0.19
C VAL A 52 8.50 -5.45 0.86
N SER A 53 9.38 -5.01 1.78
CA SER A 53 9.11 -3.77 2.55
C SER A 53 10.04 -2.61 2.09
N PRO A 54 9.49 -1.58 1.44
CA PRO A 54 10.35 -0.65 0.74
C PRO A 54 11.27 0.12 1.72
N ALA A 55 10.75 0.54 2.89
CA ALA A 55 11.64 1.32 3.77
C ALA A 55 12.78 0.47 4.36
N GLN A 56 12.47 -0.72 4.82
CA GLN A 56 13.50 -1.72 5.21
C GLN A 56 14.49 -1.95 4.08
N LEU A 57 14.01 -2.37 2.89
CA LEU A 57 14.99 -2.80 1.88
C LEU A 57 15.87 -1.68 1.33
N PHE A 58 15.41 -0.45 1.43
CA PHE A 58 16.26 0.64 1.04
C PHE A 58 16.93 1.30 2.26
N ASN A 59 16.77 0.74 3.45
CA ASN A 59 17.30 1.36 4.69
C ASN A 59 16.91 2.82 4.85
N MET A 60 15.62 3.09 4.68
CA MET A 60 15.09 4.46 4.80
C MET A 60 14.45 4.70 6.13
N ALA A 61 14.54 5.95 6.58
CA ALA A 61 14.03 6.26 7.90
C ALA A 61 12.62 6.84 7.69
N PRO A 62 11.83 7.00 8.76
CA PRO A 62 10.52 7.65 8.50
C PRO A 62 10.56 9.01 7.76
N GLY A 63 9.66 9.25 6.81
CA GLY A 63 9.67 10.57 6.13
C GLY A 63 10.37 10.60 4.77
N GLU A 64 10.94 9.46 4.34
CA GLU A 64 11.63 9.40 3.06
C GLU A 64 10.89 8.79 1.87
N VAL A 65 10.00 7.85 2.12
CA VAL A 65 9.31 7.22 1.01
C VAL A 65 7.82 7.00 1.30
N PHE A 66 7.01 7.64 0.49
CA PHE A 66 5.57 7.52 0.49
C PHE A 66 5.25 6.23 -0.28
N VAL A 67 4.29 5.45 0.19
CA VAL A 67 4.09 4.11 -0.32
C VAL A 67 2.65 3.73 -0.72
N GLN A 68 2.51 3.23 -1.94
CA GLN A 68 1.34 2.49 -2.37
C GLN A 68 1.74 1.02 -2.55
N ARG A 69 0.98 0.10 -1.97
CA ARG A 69 1.32 -1.31 -2.21
C ARG A 69 -0.01 -2.01 -2.44
N ASN A 70 -0.05 -2.74 -3.55
CA ASN A 70 -1.29 -3.50 -3.89
C ASN A 70 -0.87 -4.83 -4.51
N VAL A 71 -1.83 -5.72 -4.69
CA VAL A 71 -1.48 -7.04 -5.30
C VAL A 71 -1.00 -6.93 -6.73
N GLY A 72 0.28 -7.31 -6.96
CA GLY A 72 0.83 -7.14 -8.29
C GLY A 72 1.40 -5.77 -8.67
N ASN A 73 1.45 -4.75 -7.77
CA ASN A 73 2.06 -3.51 -8.10
C ASN A 73 1.54 -2.88 -9.38
N LEU A 74 0.23 -2.80 -9.45
CA LEU A 74 -0.43 -2.39 -10.67
C LEU A 74 -0.80 -0.87 -10.57
N VAL A 75 -0.80 -0.23 -11.71
CA VAL A 75 -1.13 1.22 -11.79
C VAL A 75 -2.14 1.39 -12.90
N SER A 76 -3.35 1.86 -12.56
CA SER A 76 -4.29 2.13 -13.57
C SER A 76 -4.85 3.55 -13.33
N ASN A 77 -5.16 4.27 -14.43
CA ASN A 77 -5.78 5.62 -14.34
C ASN A 77 -7.16 5.53 -13.72
N LYS A 78 -7.73 4.30 -13.77
CA LYS A 78 -9.07 4.15 -13.22
C LYS A 78 -9.09 3.59 -11.84
N ASP A 79 -7.96 3.51 -11.16
CA ASP A 79 -7.93 3.09 -9.78
C ASP A 79 -7.63 4.30 -8.92
N LEU A 80 -8.71 4.80 -8.29
CA LEU A 80 -8.60 5.98 -7.39
C LEU A 80 -7.68 5.78 -6.20
N ASN A 81 -7.47 4.54 -5.74
CA ASN A 81 -6.57 4.27 -4.66
C ASN A 81 -5.11 4.59 -5.08
N CYS A 82 -4.59 3.86 -6.08
CA CYS A 82 -3.24 4.20 -6.55
C CYS A 82 -3.14 5.66 -7.11
N MET A 83 -4.16 6.08 -7.83
CA MET A 83 -4.11 7.47 -8.44
C MET A 83 -4.06 8.58 -7.37
N SER A 84 -4.71 8.40 -6.21
CA SER A 84 -4.64 9.38 -5.09
C SER A 84 -3.24 9.48 -4.47
N CYS A 85 -2.54 8.36 -4.35
CA CYS A 85 -1.18 8.36 -3.88
C CYS A 85 -0.30 9.07 -4.89
N LEU A 86 -0.51 8.80 -6.17
CA LEU A 86 0.23 9.51 -7.23
C LEU A 86 -0.07 11.01 -7.18
N GLU A 87 -1.33 11.38 -7.16
CA GLU A 87 -1.70 12.82 -7.25
C GLU A 87 -1.20 13.58 -6.00
N TYR A 88 -1.42 13.04 -4.81
CA TYR A 88 -0.98 13.74 -3.58
C TYR A 88 0.57 13.97 -3.54
N THR A 89 1.32 12.93 -3.90
CA THR A 89 2.76 12.98 -3.84
C THR A 89 3.32 13.92 -4.92
N VAL A 90 2.77 13.86 -6.14
CA VAL A 90 3.36 14.62 -7.23
C VAL A 90 2.95 16.11 -7.07
N ASP A 91 1.67 16.33 -6.80
CA ASP A 91 1.14 17.69 -6.84
C ASP A 91 1.36 18.47 -5.55
N HIS A 92 1.31 17.81 -4.39
CA HIS A 92 1.39 18.51 -3.14
CA HIS A 92 1.34 18.53 -3.09
C HIS A 92 2.70 18.31 -2.46
N LEU A 93 3.16 17.09 -2.39
CA LEU A 93 4.47 16.92 -1.76
C LEU A 93 5.67 17.29 -2.67
N LYS A 94 5.43 17.30 -4.00
CA LYS A 94 6.44 17.51 -5.04
C LYS A 94 7.59 16.55 -4.87
N ILE A 95 7.27 15.25 -4.83
CA ILE A 95 8.31 14.28 -4.72
C ILE A 95 9.08 14.42 -6.04
N LYS A 96 10.29 13.87 -6.07
CA LYS A 96 11.17 13.90 -7.25
C LYS A 96 11.28 12.61 -8.04
N HIS A 97 11.06 11.48 -7.38
CA HIS A 97 11.34 10.17 -8.00
C HIS A 97 10.16 9.18 -7.67
N ILE A 98 9.78 8.40 -8.67
CA ILE A 98 8.69 7.37 -8.41
C ILE A 98 9.36 6.02 -8.76
N LEU A 99 9.40 5.12 -7.80
CA LEU A 99 10.00 3.83 -7.95
C LEU A 99 8.83 2.86 -8.22
N VAL A 100 8.83 2.16 -9.36
CA VAL A 100 7.81 1.17 -9.64
C VAL A 100 8.53 -0.12 -9.49
N CYS A 101 8.15 -0.83 -8.48
CA CYS A 101 8.91 -2.01 -8.10
C CYS A 101 8.12 -3.27 -8.25
N GLY A 102 8.53 -4.18 -9.15
CA GLY A 102 7.94 -5.53 -9.06
C GLY A 102 8.85 -6.45 -8.25
N HIS A 103 8.49 -7.71 -8.14
CA HIS A 103 9.41 -8.65 -7.44
C HIS A 103 9.30 -10.08 -8.02
N TYR A 104 10.44 -10.82 -8.05
CA TYR A 104 10.38 -12.25 -8.49
C TYR A 104 9.61 -13.04 -7.49
N ASN A 105 9.03 -14.16 -7.94
CA ASN A 105 8.22 -15.00 -7.07
C ASN A 105 6.86 -14.31 -6.67
N CYS A 106 6.40 -13.42 -7.55
CA CYS A 106 5.16 -12.65 -7.32
C CYS A 106 4.02 -13.52 -7.77
N GLY A 107 3.31 -14.05 -6.80
CA GLY A 107 2.15 -14.84 -7.04
C GLY A 107 1.06 -14.16 -7.83
N ALA A 108 1.01 -12.83 -7.82
CA ALA A 108 -0.02 -12.18 -8.63
C ALA A 108 0.35 -12.34 -10.08
N CYS A 109 1.65 -12.23 -10.41
CA CYS A 109 2.08 -12.40 -11.77
C CYS A 109 1.90 -13.84 -12.24
N LYS A 110 2.10 -14.79 -11.33
CA LYS A 110 1.93 -16.19 -11.69
C LYS A 110 0.46 -16.47 -11.94
N ALA A 111 -0.44 -16.01 -11.05
CA ALA A 111 -1.87 -16.17 -11.25
C ALA A 111 -2.31 -15.51 -12.58
N GLY A 112 -1.72 -14.35 -12.92
CA GLY A 112 -2.03 -13.69 -14.19
C GLY A 112 -1.66 -14.59 -15.35
N LEU A 113 -0.59 -15.42 -15.22
CA LEU A 113 -0.20 -16.31 -16.32
C LEU A 113 -1.13 -17.45 -16.40
N VAL A 114 -1.41 -18.02 -15.23
CA VAL A 114 -2.08 -19.35 -15.20
C VAL A 114 -3.54 -19.42 -14.96
N TRP A 115 -4.17 -18.47 -14.25
CA TRP A 115 -5.57 -18.66 -13.89
C TRP A 115 -6.45 -18.55 -15.15
N HIS A 116 -7.52 -19.34 -15.11
CA HIS A 116 -8.59 -19.21 -16.09
C HIS A 116 -9.39 -18.01 -15.66
N PRO A 117 -9.81 -17.20 -16.62
CA PRO A 117 -10.52 -16.00 -16.16
C PRO A 117 -11.87 -16.23 -15.53
N LYS A 118 -12.46 -17.41 -15.67
CA LYS A 118 -13.72 -17.67 -14.99
C LYS A 118 -13.62 -17.73 -13.46
N THR A 119 -12.41 -17.81 -12.93
CA THR A 119 -12.12 -17.95 -11.49
C THR A 119 -12.92 -16.91 -10.67
N ALA A 120 -13.61 -17.36 -9.61
CA ALA A 120 -14.45 -16.41 -8.82
C ALA A 120 -13.56 -15.45 -7.96
N GLY A 121 -14.17 -14.35 -7.56
CA GLY A 121 -13.69 -13.49 -6.47
C GLY A 121 -13.04 -12.21 -7.03
N VAL A 122 -12.70 -11.36 -6.07
CA VAL A 122 -12.16 -10.02 -6.47
C VAL A 122 -10.71 -10.02 -6.90
N THR A 123 -9.88 -10.95 -6.37
CA THR A 123 -8.53 -10.92 -6.78
C THR A 123 -8.41 -11.22 -8.28
N ASN A 124 -9.21 -12.17 -8.75
CA ASN A 124 -9.16 -12.51 -10.16
C ASN A 124 -9.59 -11.23 -11.04
N LEU A 125 -10.54 -10.49 -10.54
CA LEU A 125 -10.91 -9.20 -11.26
C LEU A 125 -9.69 -8.28 -11.24
N TRP A 126 -9.12 -8.14 -10.05
CA TRP A 126 -7.96 -7.25 -9.87
C TRP A 126 -6.81 -7.48 -10.81
N ILE A 127 -6.40 -8.77 -10.96
CA ILE A 127 -5.27 -9.01 -11.80
C ILE A 127 -5.58 -9.07 -13.28
N SER A 128 -6.73 -8.57 -13.72
CA SER A 128 -7.02 -8.48 -15.14
C SER A 128 -5.90 -7.68 -15.83
N ASP A 129 -5.29 -6.70 -15.12
CA ASP A 129 -4.28 -5.91 -15.81
C ASP A 129 -3.11 -6.82 -16.21
N VAL A 130 -2.78 -7.71 -15.29
CA VAL A 130 -1.63 -8.65 -15.58
C VAL A 130 -1.97 -9.47 -16.87
N ARG A 131 -3.22 -9.94 -16.99
CA ARG A 131 -3.58 -10.61 -18.25
C ARG A 131 -3.39 -9.75 -19.47
N GLU A 132 -3.65 -8.44 -19.37
CA GLU A 132 -3.58 -7.59 -20.52
C GLU A 132 -2.11 -7.45 -20.94
N VAL A 133 -1.22 -7.31 -19.99
CA VAL A 133 0.19 -7.25 -20.28
C VAL A 133 0.65 -8.56 -20.90
N ARG A 134 0.29 -9.64 -20.27
CA ARG A 134 0.58 -10.97 -20.75
C ARG A 134 0.15 -11.17 -22.20
N ASP A 135 -1.07 -10.80 -22.49
CA ASP A 135 -1.67 -11.00 -23.77
C ASP A 135 -0.96 -10.28 -24.88
N LYS A 136 -0.27 -9.21 -24.55
CA LYS A 136 0.47 -8.48 -25.53
C LYS A 136 1.86 -9.03 -25.72
N ASN A 137 2.15 -10.12 -25.07
CA ASN A 137 3.48 -10.66 -25.09
C ASN A 137 3.60 -12.15 -25.29
N ALA A 138 2.67 -12.74 -26.03
CA ALA A 138 2.75 -14.15 -26.33
C ALA A 138 4.12 -14.55 -26.82
N ALA A 139 4.67 -13.75 -27.70
CA ALA A 139 5.98 -14.05 -28.31
C ALA A 139 7.14 -14.09 -27.35
N LYS A 140 7.07 -13.36 -26.20
CA LYS A 140 8.15 -13.41 -25.22
C LYS A 140 7.90 -14.47 -24.15
N LEU A 141 6.68 -14.98 -24.05
CA LEU A 141 6.32 -15.89 -22.96
C LEU A 141 6.17 -17.39 -23.37
N HIS A 142 5.66 -17.57 -24.56
CA HIS A 142 5.34 -18.95 -25.01
C HIS A 142 6.57 -19.79 -25.15
N GLY A 143 6.44 -21.07 -24.83
CA GLY A 143 7.60 -21.94 -24.87
C GLY A 143 8.64 -21.78 -23.78
N LEU A 144 8.43 -20.91 -22.79
CA LEU A 144 9.43 -20.78 -21.74
C LEU A 144 9.06 -21.80 -20.66
N SER A 145 10.03 -22.27 -19.89
CA SER A 145 9.75 -23.06 -18.69
C SER A 145 8.81 -22.25 -17.75
N ALA A 146 8.04 -22.96 -16.94
CA ALA A 146 7.12 -22.34 -15.93
C ALA A 146 7.86 -21.22 -15.18
N ASP A 147 9.01 -21.57 -14.63
CA ASP A 147 9.85 -20.61 -13.92
C ASP A 147 10.34 -19.44 -14.72
N ASP A 148 10.76 -19.63 -15.94
CA ASP A 148 11.26 -18.52 -16.72
C ASP A 148 10.14 -17.62 -17.21
N ALA A 149 9.01 -18.21 -17.49
CA ALA A 149 7.83 -17.46 -17.88
C ALA A 149 7.37 -16.58 -16.74
N TRP A 150 7.46 -17.08 -15.53
CA TRP A 150 7.12 -16.35 -14.35
C TRP A 150 8.00 -15.13 -14.21
N ASP A 151 9.29 -15.33 -14.31
CA ASP A 151 10.23 -14.26 -14.17
C ASP A 151 10.00 -13.20 -15.24
N LYS A 152 9.78 -13.64 -16.44
CA LYS A 152 9.53 -12.75 -17.53
C LYS A 152 8.24 -11.96 -17.31
N MET A 153 7.21 -12.61 -16.82
CA MET A 153 5.98 -11.93 -16.56
C MET A 153 6.18 -10.80 -15.55
N VAL A 154 6.91 -11.07 -14.50
CA VAL A 154 7.25 -10.06 -13.52
C VAL A 154 7.91 -8.85 -14.18
N GLU A 155 8.89 -9.10 -15.02
CA GLU A 155 9.59 -8.06 -15.71
C GLU A 155 8.73 -7.26 -16.68
N LEU A 156 7.92 -7.95 -17.44
CA LEU A 156 7.06 -7.29 -18.41
C LEU A 156 6.05 -6.42 -17.65
N ASN A 157 5.62 -6.94 -16.51
CA ASN A 157 4.64 -6.21 -15.71
C ASN A 157 5.29 -4.90 -15.20
N VAL A 158 6.50 -5.01 -14.65
CA VAL A 158 7.23 -3.74 -14.29
C VAL A 158 7.24 -2.76 -15.47
N GLU A 159 7.70 -3.21 -16.65
CA GLU A 159 7.75 -2.28 -17.76
C GLU A 159 6.41 -1.64 -18.06
N ALA A 160 5.32 -2.43 -18.05
CA ALA A 160 4.04 -1.88 -18.39
C ALA A 160 3.62 -0.86 -17.30
N GLN A 161 3.95 -1.15 -16.03
CA GLN A 161 3.46 -0.27 -14.96
C GLN A 161 4.30 1.01 -14.98
N VAL A 162 5.55 0.90 -15.41
CA VAL A 162 6.34 2.14 -15.64
C VAL A 162 5.72 2.96 -16.71
N PHE A 163 5.30 2.32 -17.81
CA PHE A 163 4.63 3.09 -18.86
C PHE A 163 3.33 3.74 -18.34
N ASN A 164 2.59 2.96 -17.54
CA ASN A 164 1.33 3.54 -17.03
C ASN A 164 1.58 4.77 -16.13
N VAL A 165 2.62 4.71 -15.33
CA VAL A 165 2.95 5.85 -14.43
C VAL A 165 3.34 7.04 -15.39
N CYS A 166 4.23 6.80 -16.37
CA CYS A 166 4.59 7.88 -17.29
C CYS A 166 3.43 8.46 -18.09
N ALA A 167 2.46 7.63 -18.48
CA ALA A 167 1.30 8.06 -19.24
C ALA A 167 0.15 8.60 -18.37
N SER A 168 0.30 8.56 -17.07
CA SER A 168 -0.75 8.98 -16.20
C SER A 168 -1.02 10.46 -16.35
N PRO A 169 -2.29 10.86 -16.15
CA PRO A 169 -2.55 12.31 -16.30
C PRO A 169 -1.75 13.10 -15.32
N ILE A 170 -1.48 12.58 -14.15
CA ILE A 170 -0.78 13.26 -13.07
C ILE A 170 0.66 13.51 -13.54
N VAL A 171 1.35 12.45 -13.99
CA VAL A 171 2.79 12.61 -14.40
C VAL A 171 2.92 13.49 -15.65
N GLN A 172 1.96 13.31 -16.57
CA GLN A 172 1.96 14.01 -17.83
C GLN A 172 1.73 15.51 -17.54
N ALA A 173 0.82 15.82 -16.63
CA ALA A 173 0.57 17.22 -16.28
C ALA A 173 1.83 17.84 -15.60
N ALA A 174 2.55 17.08 -14.77
CA ALA A 174 3.67 17.54 -14.03
C ALA A 174 4.83 17.83 -15.00
N TRP A 175 5.09 16.89 -15.90
CA TRP A 175 6.04 17.14 -16.98
C TRP A 175 5.65 18.39 -17.81
N ALA A 176 4.38 18.55 -18.16
CA ALA A 176 3.99 19.68 -19.00
C ALA A 176 4.24 21.02 -18.32
N ARG A 177 4.29 21.05 -16.98
CA ARG A 177 4.54 22.32 -16.26
C ARG A 177 5.99 22.46 -15.84
N GLY A 178 6.82 21.53 -16.33
CA GLY A 178 8.24 21.53 -16.05
C GLY A 178 8.66 21.12 -14.67
N GLN A 179 7.82 20.38 -13.95
CA GLN A 179 8.23 19.88 -12.68
C GLN A 179 9.12 18.69 -12.87
N PRO A 180 10.27 18.67 -12.17
CA PRO A 180 11.21 17.60 -12.28
C PRO A 180 10.62 16.35 -11.60
N LEU A 181 10.61 15.27 -12.36
CA LEU A 181 9.97 14.02 -11.84
C LEU A 181 10.60 12.91 -12.64
N SER A 182 11.21 11.96 -11.98
CA SER A 182 11.71 10.79 -12.64
C SER A 182 10.92 9.48 -12.25
N VAL A 183 10.97 8.48 -13.13
CA VAL A 183 10.19 7.20 -12.95
C VAL A 183 11.20 6.09 -13.23
N HIS A 184 11.24 5.12 -12.32
CA HIS A 184 12.20 4.02 -12.28
C HIS A 184 11.56 2.66 -12.28
N GLY A 185 11.93 1.82 -13.24
CA GLY A 185 11.51 0.45 -13.20
C GLY A 185 12.48 -0.42 -12.47
N ILE A 186 12.12 -0.99 -11.33
CA ILE A 186 13.03 -1.85 -10.59
C ILE A 186 12.35 -3.15 -10.19
N VAL A 187 13.16 -4.13 -9.77
CA VAL A 187 12.60 -5.43 -9.40
C VAL A 187 13.37 -5.98 -8.16
N TYR A 188 12.69 -6.61 -7.24
CA TYR A 188 13.30 -7.13 -6.04
C TYR A 188 13.27 -8.66 -6.01
N THR A 189 14.29 -9.27 -5.42
CA THR A 189 14.33 -10.76 -5.25
C THR A 189 14.12 -11.14 -3.79
N PRO A 190 12.93 -11.68 -3.42
CA PRO A 190 12.69 -11.90 -2.03
C PRO A 190 13.80 -12.78 -1.43
N GLY A 191 14.30 -13.75 -2.20
CA GLY A 191 15.19 -14.77 -1.64
C GLY A 191 16.63 -14.30 -1.47
N THR A 192 16.96 -13.11 -1.97
CA THR A 192 18.27 -12.48 -1.76
C THR A 192 18.23 -11.05 -1.15
N GLY A 193 17.06 -10.42 -1.12
CA GLY A 193 16.95 -9.05 -0.59
C GLY A 193 17.55 -7.98 -1.48
N LEU A 194 17.89 -8.32 -2.70
CA LEU A 194 18.45 -7.34 -3.60
C LEU A 194 17.46 -6.82 -4.64
N VAL A 195 17.60 -5.52 -4.91
CA VAL A 195 16.98 -4.79 -5.98
C VAL A 195 17.88 -4.71 -7.21
N LYS A 196 17.30 -4.94 -8.38
CA LYS A 196 17.94 -4.67 -9.66
C LYS A 196 17.19 -3.60 -10.48
N GLU A 197 17.94 -2.76 -11.18
CA GLU A 197 17.38 -1.78 -12.07
C GLU A 197 17.03 -2.37 -13.44
N LEU A 198 15.74 -2.46 -13.73
CA LEU A 198 15.29 -2.95 -15.05
C LEU A 198 15.23 -1.91 -16.11
N ILE A 199 14.83 -0.69 -15.77
CA ILE A 199 14.78 0.35 -16.73
C ILE A 199 15.48 1.58 -16.15
N LYS A 200 16.30 2.27 -16.98
CA LYS A 200 17.11 3.36 -16.44
C LYS A 200 16.14 4.52 -16.17
N PRO A 201 16.60 5.58 -15.49
CA PRO A 201 15.67 6.64 -15.14
C PRO A 201 15.00 7.28 -16.34
N ILE A 202 13.70 7.64 -16.22
CA ILE A 202 12.93 8.30 -17.25
C ILE A 202 12.54 9.62 -16.64
N THR A 203 13.07 10.73 -17.19
CA THR A 203 12.88 12.02 -16.56
C THR A 203 11.97 12.80 -17.41
N GLY A 204 11.51 12.26 -18.53
CA GLY A 204 10.57 12.99 -19.38
C GLY A 204 10.35 12.24 -20.67
N MET A 205 9.64 12.87 -21.60
CA MET A 205 9.23 12.23 -22.84
C MET A 205 10.45 11.79 -23.65
N GLU A 206 11.48 12.66 -23.73
CA GLU A 206 12.70 12.22 -24.42
C GLU A 206 13.27 10.87 -23.90
N ASP A 207 13.48 10.72 -22.59
CA ASP A 207 13.97 9.44 -22.09
C ASP A 207 12.99 8.27 -22.34
N ALA A 208 11.70 8.56 -22.23
CA ALA A 208 10.69 7.48 -22.37
C ALA A 208 10.72 6.89 -23.80
N GLY A 209 10.86 7.75 -24.82
CA GLY A 209 11.05 7.29 -26.23
C GLY A 209 12.29 6.42 -26.42
N ALA A 210 13.34 6.75 -25.67
CA ALA A 210 14.56 5.95 -25.69
C ALA A 210 14.46 4.65 -24.91
N LEU A 211 13.79 4.65 -23.75
CA LEU A 211 13.86 3.52 -22.84
C LEU A 211 12.66 2.59 -22.75
N LEU A 212 11.50 3.05 -23.21
CA LEU A 212 10.28 2.20 -23.20
C LEU A 212 10.01 1.56 -24.56
N ARG A 213 9.68 0.28 -24.58
CA ARG A 213 9.33 -0.44 -25.82
C ARG A 213 8.10 0.17 -26.44
N ALA A 214 7.01 0.26 -25.66
CA ALA A 214 5.81 0.93 -26.12
C ALA A 214 6.06 2.43 -26.39
N ASP A 215 5.32 3.00 -27.33
CA ASP A 215 5.52 4.37 -27.81
C ASP A 215 4.68 5.38 -27.04
N LEU A 216 5.31 5.98 -26.04
CA LEU A 216 4.62 6.98 -25.20
C LEU A 216 4.24 8.19 -25.99
N LYS A 217 5.16 8.66 -26.87
CA LYS A 217 4.81 9.80 -27.69
C LYS A 217 3.51 9.63 -28.54
N GLN A 218 3.39 8.50 -29.24
CA GLN A 218 2.22 8.27 -30.08
C GLN A 218 0.98 8.15 -29.14
N HIS A 219 1.19 7.59 -27.94
CA HIS A 219 0.03 7.45 -26.98
C HIS A 219 -0.48 8.82 -26.59
N CYS A 220 0.45 9.76 -26.40
CA CYS A 220 0.06 11.12 -25.94
C CYS A 220 -0.40 12.04 -27.06
N PHE A 221 0.21 11.86 -28.23
CA PHE A 221 -0.16 12.66 -29.43
C PHE A 221 -0.60 11.77 -30.55
N PHE A 222 -1.71 11.06 -30.34
CA PHE A 222 -2.13 10.11 -31.34
C PHE A 222 -2.59 10.75 -32.64
N SER A 223 -3.34 11.84 -32.54
CA SER A 223 -3.88 12.63 -33.64
C SER A 223 -2.86 12.93 -34.76
N GLU A 224 -1.60 13.08 -34.36
CA GLU A 224 -0.49 13.33 -35.27
C GLU A 224 -0.06 12.10 -36.14
N SER A 225 -0.46 10.90 -35.73
CA SER A 225 -0.41 9.70 -36.62
C SER A 225 -1.60 9.57 -37.64
N LEU A 226 -2.60 10.45 -37.61
CA LEU A 226 -3.71 10.29 -38.59
C LEU A 226 -3.44 11.17 -39.83
N ALA A 227 -4.22 10.94 -40.90
CA ALA A 227 -4.20 11.80 -42.13
C ALA A 227 -4.12 13.31 -41.82
N THR B 6 21.36 13.57 -10.51
CA THR B 6 20.03 14.00 -9.92
C THR B 6 19.09 12.77 -9.86
N ALA B 7 18.74 12.20 -11.03
CA ALA B 7 17.90 10.99 -11.03
C ALA B 7 18.62 9.61 -10.98
N ASP B 8 19.95 9.59 -10.97
CA ASP B 8 20.65 8.31 -10.94
C ASP B 8 20.32 7.54 -9.63
N LEU B 9 20.17 6.20 -9.70
CA LEU B 9 19.76 5.34 -8.53
C LEU B 9 20.87 4.63 -7.76
N SER B 10 22.14 4.74 -8.19
CA SER B 10 23.24 3.95 -7.54
C SER B 10 23.29 4.12 -6.02
N PRO B 11 23.13 5.35 -5.54
CA PRO B 11 23.15 5.51 -4.09
C PRO B 11 22.05 4.65 -3.37
N LEU B 12 20.81 4.67 -3.90
CA LEU B 12 19.75 3.82 -3.38
C LEU B 12 20.12 2.36 -3.49
N LEU B 13 20.58 1.94 -4.67
CA LEU B 13 20.95 0.52 -4.87
C LEU B 13 22.04 0.07 -3.91
N GLU B 14 22.99 0.96 -3.70
CA GLU B 14 24.07 0.68 -2.75
C GLU B 14 23.57 0.59 -1.30
N ALA B 15 22.64 1.45 -0.91
CA ALA B 15 22.06 1.29 0.40
C ALA B 15 21.36 -0.08 0.51
N ASN B 16 20.71 -0.51 -0.57
CA ASN B 16 20.00 -1.78 -0.56
C ASN B 16 20.97 -2.99 -0.42
N ARG B 17 22.07 -2.94 -1.17
CA ARG B 17 23.14 -3.97 -1.07
C ARG B 17 23.75 -4.03 0.35
N LYS B 18 24.18 -2.85 0.86
CA LYS B 18 24.69 -2.79 2.26
C LYS B 18 23.73 -3.51 3.19
N TRP B 19 22.46 -3.07 3.16
CA TRP B 19 21.42 -3.65 4.01
C TRP B 19 21.27 -5.17 3.85
N ALA B 20 21.18 -5.64 2.62
CA ALA B 20 20.97 -7.10 2.39
C ALA B 20 22.18 -7.93 2.92
N ASP B 21 23.39 -7.48 2.62
CA ASP B 21 24.63 -8.14 3.19
C ASP B 21 24.59 -8.26 4.71
N GLU B 22 24.30 -7.18 5.41
CA GLU B 22 24.23 -7.20 6.87
C GLU B 22 23.17 -8.11 7.41
N CYS B 23 22.03 -8.22 6.73
CA CYS B 23 21.00 -9.11 7.22
C CYS B 23 21.44 -10.55 6.99
N ALA B 24 22.07 -10.81 5.85
CA ALA B 24 22.54 -12.14 5.49
C ALA B 24 23.68 -12.56 6.45
N ALA B 25 24.62 -11.62 6.69
CA ALA B 25 25.70 -11.75 7.73
C ALA B 25 25.16 -12.06 9.16
N LYS B 26 24.16 -11.30 9.64
CA LYS B 26 23.51 -11.64 10.92
C LYS B 26 22.80 -12.99 10.89
N ASP B 27 22.14 -13.35 9.79
CA ASP B 27 21.42 -14.62 9.71
C ASP B 27 21.42 -15.04 8.26
N SER B 28 22.15 -16.10 7.95
CA SER B 28 22.31 -16.46 6.56
C SER B 28 21.03 -17.04 5.89
N THR B 29 20.00 -17.44 6.65
CA THR B 29 18.76 -17.88 6.01
C THR B 29 17.64 -16.79 5.98
N TYR B 30 18.03 -15.54 6.30
CA TYR B 30 17.12 -14.42 6.47
C TYR B 30 16.22 -14.25 5.23
N PHE B 31 16.83 -14.13 4.03
CA PHE B 31 16.12 -13.99 2.76
C PHE B 31 15.84 -15.35 2.15
N SER B 32 16.87 -16.21 2.08
CA SER B 32 16.71 -17.47 1.39
C SER B 32 15.52 -18.23 1.93
N LYS B 33 15.19 -18.14 3.22
CA LYS B 33 14.02 -18.94 3.69
C LYS B 33 12.63 -18.45 3.20
N VAL B 34 12.60 -17.23 2.63
CA VAL B 34 11.33 -16.78 2.03
C VAL B 34 11.48 -16.65 0.50
N ALA B 35 12.49 -17.29 -0.11
CA ALA B 35 12.68 -17.19 -1.57
C ALA B 35 11.47 -17.64 -2.42
N GLY B 36 10.73 -18.61 -1.93
CA GLY B 36 9.68 -19.17 -2.78
C GLY B 36 8.30 -19.31 -2.17
N SER B 37 8.07 -18.73 -1.01
CA SER B 37 6.74 -18.77 -0.40
C SER B 37 6.68 -17.69 0.71
N GLN B 38 5.47 -17.40 1.21
CA GLN B 38 5.27 -16.51 2.37
C GLN B 38 4.19 -17.10 3.18
N ALA B 39 4.30 -16.93 4.49
CA ALA B 39 3.29 -17.37 5.43
C ALA B 39 3.14 -16.28 6.50
N PRO B 40 2.69 -15.09 6.05
CA PRO B 40 2.57 -14.06 7.10
C PRO B 40 1.42 -14.33 8.00
N GLU B 41 1.55 -13.86 9.25
CA GLU B 41 0.42 -13.93 10.12
C GLU B 41 -0.50 -12.72 10.09
N TYR B 42 0.05 -11.62 9.64
CA TYR B 42 -0.70 -10.35 9.68
C TYR B 42 -1.04 -9.80 8.30
N LEU B 43 -2.17 -9.09 8.19
CA LEU B 43 -2.39 -8.18 7.05
C LEU B 43 -2.42 -6.82 7.79
N TYR B 44 -1.72 -5.83 7.25
CA TYR B 44 -1.78 -4.46 7.80
C TYR B 44 -2.39 -3.59 6.75
N ILE B 45 -3.33 -2.76 7.14
CA ILE B 45 -3.96 -1.78 6.28
C ILE B 45 -3.65 -0.45 6.95
N GLY B 46 -2.85 0.38 6.31
CA GLY B 46 -2.45 1.64 6.86
C GLY B 46 -2.31 2.77 5.86
N CYS B 47 -1.87 3.92 6.33
CA CYS B 47 -1.75 5.08 5.45
C CYS B 47 -0.46 5.07 4.61
N ALA B 48 -0.53 5.67 3.45
CA ALA B 48 0.60 5.76 2.55
C ALA B 48 1.64 6.79 3.00
N ASP B 49 1.27 7.61 3.96
CA ASP B 49 2.13 8.63 4.55
C ASP B 49 3.55 8.10 4.76
N SER B 50 4.55 8.83 4.31
CA SER B 50 5.95 8.39 4.37
C SER B 50 6.52 8.14 5.75
N ARG B 51 5.81 8.54 6.78
CA ARG B 51 6.32 8.41 8.12
C ARG B 51 5.91 7.12 8.81
N VAL B 52 5.14 6.29 8.12
CA VAL B 52 4.52 5.14 8.72
C VAL B 52 4.79 3.82 7.97
N SER B 53 5.87 3.14 8.30
CA SER B 53 6.25 1.94 7.57
C SER B 53 6.02 0.73 8.48
N PRO B 54 4.96 -0.10 8.25
CA PRO B 54 4.58 -1.13 9.18
C PRO B 54 5.68 -2.13 9.55
N ALA B 55 6.42 -2.65 8.59
CA ALA B 55 7.37 -3.76 8.95
C ALA B 55 8.52 -3.20 9.83
N GLN B 56 8.92 -1.99 9.47
CA GLN B 56 9.95 -1.25 10.23
C GLN B 56 9.49 -0.92 11.63
N LEU B 57 8.28 -0.36 11.76
CA LEU B 57 7.81 0.08 13.06
C LEU B 57 7.44 -1.06 13.98
N PHE B 58 7.19 -2.24 13.42
CA PHE B 58 6.96 -3.43 14.26
C PHE B 58 8.21 -4.31 14.34
N ASN B 59 9.30 -3.85 13.75
CA ASN B 59 10.58 -4.59 13.72
C ASN B 59 10.42 -6.04 13.19
N MET B 60 9.67 -6.15 12.10
CA MET B 60 9.43 -7.43 11.46
C MET B 60 10.43 -7.73 10.37
N ALA B 61 10.74 -9.01 10.22
CA ALA B 61 11.54 -9.47 9.13
C ALA B 61 10.61 -9.71 7.93
N PRO B 62 11.17 -9.92 6.75
CA PRO B 62 10.36 -10.24 5.58
C PRO B 62 9.46 -11.47 5.79
N GLY B 63 8.22 -11.43 5.31
CA GLY B 63 7.39 -12.61 5.37
C GLY B 63 6.47 -12.57 6.51
N GLU B 64 6.44 -11.46 7.24
CA GLU B 64 5.63 -11.41 8.43
C GLU B 64 4.35 -10.58 8.31
N VAL B 65 4.37 -9.55 7.49
CA VAL B 65 3.18 -8.66 7.38
C VAL B 65 2.94 -8.33 5.89
N PHE B 66 1.78 -8.73 5.42
CA PHE B 66 1.32 -8.38 4.09
C PHE B 66 0.67 -6.97 4.23
N VAL B 67 0.85 -6.12 3.23
CA VAL B 67 0.56 -4.70 3.40
C VAL B 67 -0.29 -4.08 2.29
N GLN B 68 -1.33 -3.35 2.69
CA GLN B 68 -2.07 -2.44 1.80
C GLN B 68 -1.85 -1.06 2.42
N ARG B 69 -1.36 -0.13 1.58
CA ARG B 69 -1.27 1.25 2.10
C ARG B 69 -1.92 2.19 1.07
N ASN B 70 -2.72 3.15 1.60
CA ASN B 70 -3.44 4.06 0.71
C ASN B 70 -3.68 5.35 1.48
N VAL B 71 -4.10 6.36 0.77
CA VAL B 71 -4.28 7.70 1.43
C VAL B 71 -5.43 7.64 2.42
N GLY B 72 -5.07 7.76 3.70
CA GLY B 72 -6.07 7.76 4.78
C GLY B 72 -6.54 6.38 5.24
N ASN B 73 -5.85 5.33 4.85
CA ASN B 73 -6.01 3.99 5.40
C ASN B 73 -7.50 3.60 5.29
N LEU B 74 -8.08 3.74 4.08
CA LEU B 74 -9.53 3.53 3.91
C LEU B 74 -9.86 2.10 3.42
N VAL B 75 -11.02 1.60 3.79
CA VAL B 75 -11.34 0.20 3.43
C VAL B 75 -12.80 0.36 2.94
N SER B 76 -13.00 0.00 1.67
CA SER B 76 -14.37 -0.02 1.18
C SER B 76 -14.58 -1.31 0.40
N ASN B 77 -15.78 -1.90 0.53
CA ASN B 77 -16.04 -3.13 -0.23
C ASN B 77 -15.95 -2.88 -1.76
N LYS B 78 -16.14 -1.62 -2.19
CA LYS B 78 -16.10 -1.33 -3.65
C LYS B 78 -14.78 -0.81 -4.14
N ASP B 79 -13.75 -0.87 -3.31
CA ASP B 79 -12.34 -0.71 -3.80
C ASP B 79 -11.72 -2.10 -3.98
N LEU B 80 -11.59 -2.48 -5.25
CA LEU B 80 -10.94 -3.80 -5.59
C LEU B 80 -9.49 -3.81 -5.23
N ASN B 81 -8.86 -2.64 -5.07
CA ASN B 81 -7.49 -2.63 -4.62
C ASN B 81 -7.37 -3.09 -3.17
N CYS B 82 -8.06 -2.45 -2.20
CA CYS B 82 -7.87 -2.91 -0.86
C CYS B 82 -8.63 -4.32 -0.74
N MET B 83 -9.68 -4.49 -1.52
CA MET B 83 -10.45 -5.80 -1.34
C MET B 83 -9.65 -7.02 -1.80
N SER B 84 -8.82 -6.87 -2.84
CA SER B 84 -7.99 -7.98 -3.23
C SER B 84 -6.87 -8.28 -2.25
N CYS B 85 -6.31 -7.25 -1.57
CA CYS B 85 -5.34 -7.54 -0.47
C CYS B 85 -6.11 -8.40 0.61
N LEU B 86 -7.31 -8.01 0.93
CA LEU B 86 -8.04 -8.67 1.95
C LEU B 86 -8.42 -10.08 1.55
N GLU B 87 -8.90 -10.26 0.34
CA GLU B 87 -9.27 -11.58 -0.13
C GLU B 87 -8.07 -12.51 -0.17
N TYR B 88 -6.99 -12.10 -0.77
CA TYR B 88 -5.85 -12.99 -0.85
C TYR B 88 -5.28 -13.43 0.49
N THR B 89 -5.23 -12.52 1.45
CA THR B 89 -4.70 -12.83 2.77
C THR B 89 -5.61 -13.69 3.60
N VAL B 90 -6.87 -13.36 3.62
CA VAL B 90 -7.79 -14.11 4.43
C VAL B 90 -8.09 -15.48 3.82
N ASP B 91 -8.34 -15.54 2.54
CA ASP B 91 -8.76 -16.77 1.91
C ASP B 91 -7.63 -17.71 1.51
N HIS B 92 -6.52 -17.17 1.05
CA HIS B 92 -5.49 -18.02 0.55
CA HIS B 92 -5.47 -18.02 0.55
C HIS B 92 -4.35 -18.12 1.58
N LEU B 93 -3.82 -17.01 2.06
CA LEU B 93 -2.76 -17.13 3.06
C LEU B 93 -3.23 -17.50 4.45
N LYS B 94 -4.53 -17.39 4.73
CA LYS B 94 -5.05 -17.67 6.07
C LYS B 94 -4.34 -16.87 7.18
N ILE B 95 -4.22 -15.56 7.02
CA ILE B 95 -3.59 -14.76 8.06
C ILE B 95 -4.48 -14.87 9.28
N LYS B 96 -3.92 -14.58 10.44
CA LYS B 96 -4.68 -14.62 11.66
C LYS B 96 -5.19 -13.27 12.20
N HIS B 97 -4.53 -12.18 11.82
CA HIS B 97 -4.77 -10.90 12.48
C HIS B 97 -4.74 -9.81 11.39
N ILE B 98 -5.71 -8.91 11.47
CA ILE B 98 -5.66 -7.77 10.59
C ILE B 98 -5.52 -6.52 11.46
N LEU B 99 -4.50 -5.75 11.12
CA LEU B 99 -4.15 -4.53 11.82
C LEU B 99 -4.67 -3.39 10.91
N VAL B 100 -5.55 -2.58 11.46
CA VAL B 100 -6.10 -1.44 10.74
C VAL B 100 -5.52 -0.21 11.48
N CYS B 101 -4.60 0.44 10.81
CA CYS B 101 -3.77 1.43 11.51
C CYS B 101 -3.99 2.84 10.91
N GLY B 102 -4.42 3.80 11.75
CA GLY B 102 -4.49 5.22 11.34
C GLY B 102 -3.24 5.88 11.95
N HIS B 103 -3.08 7.18 11.74
CA HIS B 103 -1.94 7.83 12.41
C HIS B 103 -2.24 9.29 12.70
N TYR B 104 -1.76 9.76 13.85
CA TYR B 104 -2.00 11.17 14.11
C TYR B 104 -1.21 12.00 13.13
N ASN B 105 -1.63 13.26 12.96
CA ASN B 105 -1.07 14.15 11.96
C ASN B 105 -1.31 13.57 10.53
N CYS B 106 -2.43 12.83 10.37
CA CYS B 106 -2.81 12.37 8.97
C CYS B 106 -3.47 13.45 8.15
N GLY B 107 -2.76 14.02 7.15
CA GLY B 107 -3.37 15.04 6.35
C GLY B 107 -4.57 14.63 5.53
N ALA B 108 -4.75 13.31 5.25
CA ALA B 108 -6.06 12.89 4.63
C ALA B 108 -7.23 13.12 5.57
N CYS B 109 -7.05 12.83 6.88
CA CYS B 109 -8.10 13.16 7.86
C CYS B 109 -8.35 14.64 7.98
N LYS B 110 -7.25 15.40 7.98
CA LYS B 110 -7.41 16.86 8.05
C LYS B 110 -8.13 17.38 6.81
N ALA B 111 -7.78 16.90 5.60
CA ALA B 111 -8.48 17.33 4.39
C ALA B 111 -9.95 16.91 4.41
N GLY B 112 -10.23 15.76 4.98
CA GLY B 112 -11.65 15.36 5.06
C GLY B 112 -12.45 16.32 5.95
N LEU B 113 -11.80 16.99 6.94
CA LEU B 113 -12.48 18.06 7.75
C LEU B 113 -12.51 19.35 7.00
N VAL B 114 -11.44 19.72 6.30
CA VAL B 114 -11.35 21.14 5.81
C VAL B 114 -11.68 21.35 4.33
N TRP B 115 -11.43 20.34 3.46
CA TRP B 115 -11.77 20.58 2.08
C TRP B 115 -13.22 20.77 1.71
N HIS B 116 -13.45 21.66 0.78
CA HIS B 116 -14.79 21.81 0.21
C HIS B 116 -14.89 20.71 -0.85
N PRO B 117 -16.02 20.03 -0.98
CA PRO B 117 -16.06 18.89 -1.96
C PRO B 117 -16.03 19.25 -3.40
N LYS B 118 -16.15 20.54 -3.76
CA LYS B 118 -15.98 20.92 -5.17
C LYS B 118 -14.51 20.86 -5.60
N THR B 119 -13.62 20.66 -4.66
CA THR B 119 -12.16 20.69 -4.94
C THR B 119 -11.81 19.67 -6.06
N ALA B 120 -11.00 20.06 -7.06
CA ALA B 120 -10.77 19.20 -8.24
C ALA B 120 -9.83 18.04 -7.83
N GLY B 121 -9.82 17.00 -8.67
CA GLY B 121 -8.75 15.98 -8.58
C GLY B 121 -9.21 14.67 -7.93
N VAL B 122 -8.43 13.61 -8.16
CA VAL B 122 -8.85 12.32 -7.63
C VAL B 122 -8.70 12.21 -6.12
N THR B 123 -7.72 12.84 -5.45
CA THR B 123 -7.62 12.74 -3.99
C THR B 123 -8.92 13.19 -3.34
N ASN B 124 -9.52 14.26 -3.84
CA ASN B 124 -10.76 14.73 -3.16
C ASN B 124 -11.83 13.66 -3.33
N LEU B 125 -11.84 12.99 -4.50
CA LEU B 125 -12.87 11.86 -4.67
C LEU B 125 -12.57 10.81 -3.60
N TRP B 126 -11.28 10.41 -3.55
CA TRP B 126 -10.87 9.32 -2.66
C TRP B 126 -11.17 9.53 -1.20
N ILE B 127 -11.10 10.78 -0.73
CA ILE B 127 -11.34 10.99 0.72
C ILE B 127 -12.81 11.20 1.02
N SER B 128 -13.67 10.95 0.07
CA SER B 128 -15.09 11.00 0.34
C SER B 128 -15.48 10.13 1.54
N ASP B 129 -14.85 8.97 1.67
CA ASP B 129 -15.08 8.10 2.80
C ASP B 129 -14.89 8.85 4.10
N VAL B 130 -13.84 9.64 4.19
CA VAL B 130 -13.55 10.40 5.37
C VAL B 130 -14.64 11.41 5.71
N ARG B 131 -15.16 12.08 4.72
CA ARG B 131 -16.23 13.02 4.92
C ARG B 131 -17.47 12.33 5.48
N GLU B 132 -17.69 11.09 5.10
CA GLU B 132 -18.86 10.36 5.57
C GLU B 132 -18.69 9.94 7.02
N VAL B 133 -17.52 9.48 7.41
CA VAL B 133 -17.22 9.19 8.79
C VAL B 133 -17.46 10.44 9.62
N ARG B 134 -16.94 11.55 9.14
CA ARG B 134 -17.07 12.85 9.76
C ARG B 134 -18.52 13.31 9.90
N ASP B 135 -19.29 13.22 8.83
CA ASP B 135 -20.64 13.63 8.85
C ASP B 135 -21.46 12.78 9.82
N LYS B 136 -21.17 11.51 9.92
CA LYS B 136 -21.91 10.63 10.83
C LYS B 136 -21.61 10.90 12.30
N ASN B 137 -20.42 11.45 12.56
CA ASN B 137 -19.97 11.78 13.89
C ASN B 137 -19.87 13.29 14.05
N ALA B 138 -20.71 14.06 13.36
CA ALA B 138 -20.55 15.55 13.39
C ALA B 138 -20.65 16.13 14.82
N ALA B 139 -21.51 15.55 15.64
CA ALA B 139 -21.68 16.08 17.02
C ALA B 139 -20.42 15.91 17.90
N LYS B 140 -19.70 14.81 17.72
CA LYS B 140 -18.43 14.61 18.42
C LYS B 140 -17.40 15.65 18.01
N LEU B 141 -17.37 16.06 16.74
CA LEU B 141 -16.35 17.01 16.28
C LEU B 141 -16.74 18.46 16.59
N HIS B 142 -18.04 18.70 16.78
CA HIS B 142 -18.56 20.07 17.06
C HIS B 142 -17.80 20.82 18.17
N GLY B 143 -17.34 21.99 17.81
CA GLY B 143 -16.70 22.91 18.78
C GLY B 143 -15.29 22.57 19.26
N LEU B 144 -14.66 21.53 18.71
CA LEU B 144 -13.30 21.17 19.15
C LEU B 144 -12.33 22.12 18.50
N SER B 145 -11.23 22.40 19.17
CA SER B 145 -10.12 23.14 18.55
C SER B 145 -9.65 22.35 17.32
N ALA B 146 -8.95 23.01 16.40
CA ALA B 146 -8.41 22.38 15.19
C ALA B 146 -7.60 21.13 15.54
N ASP B 147 -6.74 21.19 16.55
CA ASP B 147 -5.91 20.04 16.82
C ASP B 147 -6.75 18.91 17.35
N ASP B 148 -7.69 19.23 18.26
CA ASP B 148 -8.48 18.18 18.88
C ASP B 148 -9.38 17.51 17.84
N ALA B 149 -9.93 18.31 16.95
CA ALA B 149 -10.86 17.79 15.93
C ALA B 149 -10.05 16.88 15.02
N TRP B 150 -8.82 17.30 14.66
CA TRP B 150 -7.98 16.49 13.79
C TRP B 150 -7.68 15.14 14.47
N ASP B 151 -7.24 15.15 15.74
CA ASP B 151 -6.95 13.90 16.43
C ASP B 151 -8.25 13.02 16.50
N LYS B 152 -9.37 13.64 16.77
CA LYS B 152 -10.65 12.88 16.90
C LYS B 152 -11.03 12.30 15.51
N MET B 153 -10.77 13.07 14.45
CA MET B 153 -11.02 12.57 13.07
C MET B 153 -10.22 11.33 12.79
N VAL B 154 -8.94 11.34 13.19
CA VAL B 154 -8.09 10.17 12.97
C VAL B 154 -8.66 8.99 13.70
N GLU B 155 -9.08 9.19 14.95
CA GLU B 155 -9.57 8.08 15.76
C GLU B 155 -10.88 7.56 15.25
N LEU B 156 -11.78 8.45 14.84
CA LEU B 156 -13.11 8.00 14.40
C LEU B 156 -12.90 7.23 13.07
N ASN B 157 -11.94 7.70 12.27
CA ASN B 157 -11.70 6.97 11.02
C ASN B 157 -11.13 5.58 11.24
N VAL B 158 -10.23 5.39 12.20
CA VAL B 158 -9.74 4.06 12.55
C VAL B 158 -10.91 3.20 12.99
N GLU B 159 -11.78 3.72 13.84
CA GLU B 159 -12.94 2.89 14.25
C GLU B 159 -13.81 2.56 13.04
N ALA B 160 -14.10 3.54 12.18
CA ALA B 160 -14.89 3.26 11.02
C ALA B 160 -14.25 2.21 10.11
N GLN B 161 -12.90 2.24 9.90
CA GLN B 161 -12.29 1.28 8.98
C GLN B 161 -12.21 -0.11 9.62
N VAL B 162 -12.14 -0.16 10.97
CA VAL B 162 -12.23 -1.45 11.69
C VAL B 162 -13.60 -2.05 11.44
N PHE B 163 -14.63 -1.22 11.52
CA PHE B 163 -16.02 -1.71 11.27
C PHE B 163 -16.09 -2.16 9.86
N ASN B 164 -15.58 -1.35 8.91
CA ASN B 164 -15.65 -1.78 7.52
C ASN B 164 -14.93 -3.11 7.27
N VAL B 165 -13.78 -3.32 7.93
CA VAL B 165 -13.09 -4.63 7.78
C VAL B 165 -13.99 -5.76 8.38
N CYS B 166 -14.50 -5.54 9.61
CA CYS B 166 -15.36 -6.60 10.21
C CYS B 166 -16.64 -6.90 9.39
N ALA B 167 -17.23 -5.87 8.74
CA ALA B 167 -18.44 -5.97 7.92
C ALA B 167 -18.20 -6.47 6.50
N SER B 168 -16.94 -6.60 6.07
CA SER B 168 -16.63 -6.96 4.72
C SER B 168 -17.13 -8.37 4.43
N PRO B 169 -17.53 -8.62 3.16
CA PRO B 169 -17.93 -10.00 2.80
C PRO B 169 -16.84 -10.98 3.12
N ILE B 170 -15.56 -10.63 2.85
CA ILE B 170 -14.50 -11.54 3.03
C ILE B 170 -14.32 -11.96 4.50
N VAL B 171 -14.35 -10.99 5.40
CA VAL B 171 -14.17 -11.31 6.87
C VAL B 171 -15.44 -12.01 7.36
N GLN B 172 -16.60 -11.48 6.96
CA GLN B 172 -17.84 -12.09 7.43
C GLN B 172 -17.89 -13.58 6.98
N ALA B 173 -17.42 -13.91 5.79
CA ALA B 173 -17.53 -15.26 5.29
C ALA B 173 -16.51 -16.10 6.04
N ALA B 174 -15.36 -15.52 6.33
CA ALA B 174 -14.34 -16.25 7.04
C ALA B 174 -14.82 -16.56 8.44
N TRP B 175 -15.50 -15.61 9.09
CA TRP B 175 -16.00 -15.89 10.44
C TRP B 175 -17.13 -16.94 10.36
N ALA B 176 -17.98 -16.87 9.33
CA ALA B 176 -19.12 -17.85 9.16
C ALA B 176 -18.64 -19.29 9.00
N ARG B 177 -17.44 -19.47 8.50
CA ARG B 177 -16.83 -20.76 8.34
C ARG B 177 -15.94 -21.17 9.51
N GLY B 178 -15.99 -20.39 10.60
CA GLY B 178 -15.13 -20.66 11.77
C GLY B 178 -13.64 -20.52 11.55
N GLN B 179 -13.22 -19.67 10.62
CA GLN B 179 -11.79 -19.38 10.49
C GLN B 179 -11.40 -18.36 11.59
N PRO B 180 -10.32 -18.64 12.35
CA PRO B 180 -9.97 -17.67 13.42
C PRO B 180 -9.34 -16.44 12.75
N LEU B 181 -9.83 -15.28 13.11
CA LEU B 181 -9.37 -14.04 12.38
C LEU B 181 -9.71 -12.89 13.30
N SER B 182 -8.69 -12.08 13.68
CA SER B 182 -9.00 -11.01 14.59
C SER B 182 -8.70 -9.68 13.86
N VAL B 183 -9.42 -8.67 14.28
CA VAL B 183 -9.25 -7.33 13.67
C VAL B 183 -8.90 -6.35 14.77
N HIS B 184 -7.88 -5.49 14.50
CA HIS B 184 -7.35 -4.58 15.53
C HIS B 184 -7.36 -3.11 15.10
N GLY B 185 -7.91 -2.23 15.90
CA GLY B 185 -7.84 -0.80 15.64
C GLY B 185 -6.68 -0.15 16.35
N ILE B 186 -5.68 0.24 15.60
CA ILE B 186 -4.50 0.83 16.19
C ILE B 186 -4.21 2.19 15.59
N VAL B 187 -3.41 3.00 16.26
CA VAL B 187 -3.01 4.31 15.76
C VAL B 187 -1.54 4.56 16.06
N TYR B 188 -0.86 5.23 15.15
CA TYR B 188 0.57 5.49 15.25
C TYR B 188 0.82 6.96 15.38
N THR B 189 1.83 7.33 16.16
CA THR B 189 2.22 8.72 16.34
C THR B 189 3.57 8.97 15.68
N PRO B 190 3.57 9.65 14.55
CA PRO B 190 4.77 9.78 13.75
C PRO B 190 5.89 10.47 14.53
N GLY B 191 5.54 11.47 15.30
CA GLY B 191 6.48 12.14 16.25
C GLY B 191 7.09 11.35 17.39
N THR B 192 6.67 10.11 17.69
CA THR B 192 7.28 9.32 18.78
C THR B 192 7.66 7.92 18.37
N GLY B 193 7.09 7.52 17.22
CA GLY B 193 7.34 6.16 16.71
C GLY B 193 6.49 5.11 17.41
N LEU B 194 5.52 5.52 18.22
CA LEU B 194 4.77 4.49 19.01
C LEU B 194 3.36 4.22 18.42
N VAL B 195 2.93 2.95 18.56
CA VAL B 195 1.59 2.48 18.26
C VAL B 195 0.82 2.46 19.52
N LYS B 196 -0.44 2.91 19.49
CA LYS B 196 -1.34 2.74 20.59
C LYS B 196 -2.53 1.84 20.11
N GLU B 197 -3.10 1.04 20.98
CA GLU B 197 -4.28 0.24 20.64
C GLU B 197 -5.49 1.10 20.93
N LEU B 198 -6.29 1.43 19.91
CA LEU B 198 -7.49 2.21 20.11
C LEU B 198 -8.64 1.26 20.44
N ILE B 199 -8.67 0.07 19.81
CA ILE B 199 -9.78 -0.87 20.06
C ILE B 199 -9.17 -2.22 20.35
N LYS B 200 -9.65 -2.89 21.42
CA LYS B 200 -9.15 -4.23 21.80
C LYS B 200 -9.42 -5.21 20.66
N PRO B 201 -8.81 -6.40 20.70
CA PRO B 201 -9.01 -7.36 19.63
C PRO B 201 -10.48 -7.75 19.43
N ILE B 202 -10.88 -7.77 18.16
CA ILE B 202 -12.23 -8.19 17.80
C ILE B 202 -12.04 -9.53 17.09
N THR B 203 -12.56 -10.58 17.66
CA THR B 203 -12.40 -11.90 17.11
C THR B 203 -13.66 -12.44 16.49
N GLY B 204 -14.74 -11.72 16.63
CA GLY B 204 -15.97 -12.16 16.05
C GLY B 204 -17.07 -11.23 16.43
N MET B 205 -18.28 -11.65 16.19
CA MET B 205 -19.42 -10.81 16.37
C MET B 205 -19.61 -10.36 17.79
N GLU B 206 -19.35 -11.26 18.72
CA GLU B 206 -19.49 -10.96 20.12
C GLU B 206 -18.58 -9.81 20.52
N ASP B 207 -17.32 -9.90 20.18
CA ASP B 207 -16.38 -8.86 20.43
C ASP B 207 -16.84 -7.55 19.78
N ALA B 208 -17.33 -7.63 18.57
CA ALA B 208 -17.76 -6.44 17.86
C ALA B 208 -18.93 -5.78 18.54
N GLY B 209 -19.84 -6.55 19.07
CA GLY B 209 -20.95 -5.98 19.80
C GLY B 209 -20.50 -5.27 21.05
N ALA B 210 -19.39 -5.70 21.60
CA ALA B 210 -18.91 -5.13 22.83
C ALA B 210 -18.12 -3.88 22.60
N LEU B 211 -17.41 -3.84 21.49
CA LEU B 211 -16.33 -2.91 21.31
C LEU B 211 -16.54 -1.79 20.28
N LEU B 212 -17.50 -1.93 19.40
CA LEU B 212 -17.71 -0.95 18.35
C LEU B 212 -18.92 -0.08 18.59
N ARG B 213 -18.81 1.20 18.30
CA ARG B 213 -19.89 2.13 18.48
C ARG B 213 -21.03 1.95 17.49
N ALA B 214 -20.72 1.47 16.30
CA ALA B 214 -21.73 1.13 15.33
C ALA B 214 -22.07 -0.32 15.52
N ASP B 215 -23.30 -0.68 15.19
CA ASP B 215 -23.89 -1.97 15.50
C ASP B 215 -23.73 -2.99 14.39
N LEU B 216 -22.69 -3.78 14.49
CA LEU B 216 -22.38 -4.74 13.46
C LEU B 216 -23.46 -5.78 13.34
N LYS B 217 -24.05 -6.18 14.44
CA LYS B 217 -25.12 -7.16 14.35
C LYS B 217 -26.31 -6.64 13.56
N GLN B 218 -26.72 -5.41 13.81
CA GLN B 218 -27.80 -4.80 13.11
C GLN B 218 -27.43 -4.72 11.61
N HIS B 219 -26.18 -4.38 11.30
CA HIS B 219 -25.74 -4.31 9.82
C HIS B 219 -25.89 -5.68 9.16
N CYS B 220 -25.53 -6.75 9.90
CA CYS B 220 -25.50 -8.08 9.32
C CYS B 220 -26.87 -8.69 9.26
N PHE B 221 -27.76 -8.26 10.18
CA PHE B 221 -29.11 -8.97 10.36
C PHE B 221 -30.22 -8.01 10.42
N PHE B 222 -30.04 -6.88 9.71
CA PHE B 222 -30.97 -5.84 9.76
C PHE B 222 -32.41 -6.31 9.55
N SER B 223 -32.66 -7.18 8.55
CA SER B 223 -34.08 -7.41 8.11
C SER B 223 -34.88 -8.25 9.19
N GLU B 224 -34.17 -8.93 10.06
CA GLU B 224 -34.82 -9.50 11.31
C GLU B 224 -35.61 -8.50 12.14
N SER B 225 -35.37 -7.19 11.96
CA SER B 225 -36.18 -6.20 12.67
C SER B 225 -37.32 -5.58 11.92
N LEU B 226 -37.52 -5.97 10.67
CA LEU B 226 -38.82 -5.68 10.02
C LEU B 226 -39.97 -6.49 10.70
N ALA B 227 -41.23 -6.04 10.52
CA ALA B 227 -42.44 -6.80 10.95
C ALA B 227 -42.36 -8.18 10.27
#